data_8ZAJ
#
_entry.id   8ZAJ
#
_cell.length_a   1.00
_cell.length_b   1.00
_cell.length_c   1.00
_cell.angle_alpha   90.00
_cell.angle_beta   90.00
_cell.angle_gamma   90.00
#
_symmetry.space_group_name_H-M   'P 1'
#
_entity_poly.entity_id   1
_entity_poly.type   'polypeptide(L)'
_entity_poly.pdbx_seq_one_letter_code
;MGFWGLEVKPGKPQAYNPKNEQGKIHVTQATLGTGLSKEKSVIQCSIGDKAPIALCSLLPNKIECCPLNLEFDDDDEPVE
FTVTGDRSIHLSGFLEYYQDLEHHHHHH
;
_entity_poly.pdbx_strand_id   A,B,C,D,E
#
# COMPACT_ATOMS: atom_id res chain seq x y z
N GLY A 2 13.36 -14.67 4.86
CA GLY A 2 14.71 -14.25 4.53
C GLY A 2 14.74 -12.96 3.74
N PHE A 3 15.45 -11.97 4.28
CA PHE A 3 15.51 -10.66 3.63
C PHE A 3 16.21 -10.75 2.28
N TRP A 4 15.73 -9.96 1.33
CA TRP A 4 16.31 -9.88 0.00
C TRP A 4 16.52 -8.42 -0.37
N GLY A 5 17.61 -8.13 -1.04
CA GLY A 5 17.90 -6.76 -1.46
C GLY A 5 18.76 -6.75 -2.70
N LEU A 6 18.57 -5.72 -3.51
CA LEU A 6 19.34 -5.56 -4.73
C LEU A 6 19.41 -4.09 -5.09
N GLU A 7 20.62 -3.59 -5.33
CA GLU A 7 20.83 -2.23 -5.81
C GLU A 7 20.98 -2.27 -7.32
N VAL A 8 20.04 -1.66 -8.03
CA VAL A 8 20.05 -1.62 -9.48
C VAL A 8 20.64 -0.28 -9.88
N LYS A 9 21.81 -0.32 -10.50
CA LYS A 9 22.54 0.90 -10.81
C LYS A 9 21.92 1.60 -12.03
N PRO A 10 22.00 2.93 -12.07
CA PRO A 10 21.52 3.66 -13.25
C PRO A 10 22.48 3.56 -14.43
N GLY A 11 22.19 4.30 -15.50
CA GLY A 11 23.06 4.33 -16.65
C GLY A 11 22.89 3.12 -17.56
N LYS A 12 23.96 2.35 -17.73
CA LYS A 12 23.88 1.15 -18.53
C LYS A 12 22.89 0.18 -17.90
N PRO A 13 21.98 -0.41 -18.68
CA PRO A 13 20.97 -1.29 -18.09
C PRO A 13 21.60 -2.55 -17.52
N GLN A 14 21.02 -3.03 -16.42
CA GLN A 14 21.64 -4.06 -15.59
C GLN A 14 20.83 -5.35 -15.64
N ALA A 15 21.50 -6.45 -15.95
CA ALA A 15 20.88 -7.76 -15.94
C ALA A 15 20.76 -8.29 -14.51
N TYR A 16 19.81 -9.20 -14.32
CA TYR A 16 19.61 -9.85 -13.03
C TYR A 16 19.18 -11.29 -13.26
N ASN A 17 19.72 -12.19 -12.44
CA ASN A 17 19.46 -13.62 -12.57
C ASN A 17 18.69 -14.14 -11.36
N PRO A 18 17.39 -14.40 -11.50
CA PRO A 18 16.61 -14.90 -10.35
C PRO A 18 17.09 -16.23 -9.82
N LYS A 19 17.77 -17.05 -10.62
CA LYS A 19 18.23 -18.36 -10.15
C LYS A 19 19.36 -18.27 -9.13
N ASN A 20 19.95 -17.08 -8.93
CA ASN A 20 20.99 -16.93 -7.92
C ASN A 20 20.44 -17.20 -6.52
N GLU A 21 19.24 -16.71 -6.24
CA GLU A 21 18.62 -16.93 -4.94
C GLU A 21 17.96 -18.31 -4.88
N GLN A 22 17.76 -18.79 -3.65
CA GLN A 22 17.20 -20.12 -3.46
C GLN A 22 15.72 -20.16 -3.82
N GLY A 23 14.94 -19.17 -3.37
CA GLY A 23 13.51 -19.17 -3.54
C GLY A 23 13.02 -17.96 -4.34
N LYS A 24 11.70 -17.91 -4.50
CA LYS A 24 11.07 -16.85 -5.26
C LYS A 24 11.32 -15.49 -4.60
N ILE A 25 11.62 -14.49 -5.42
CA ILE A 25 11.91 -13.15 -4.93
C ILE A 25 10.62 -12.36 -4.91
N HIS A 26 10.30 -11.77 -3.75
CA HIS A 26 9.17 -10.86 -3.62
C HIS A 26 9.73 -9.44 -3.54
N VAL A 27 9.55 -8.68 -4.61
CA VAL A 27 9.98 -7.28 -4.64
C VAL A 27 8.82 -6.46 -4.08
N THR A 28 8.94 -6.08 -2.80
CA THR A 28 7.87 -5.39 -2.11
C THR A 28 8.14 -3.91 -1.90
N GLN A 29 9.29 -3.41 -2.32
CA GLN A 29 9.60 -2.00 -2.13
C GLN A 29 10.69 -1.59 -3.11
N ALA A 30 10.56 -0.37 -3.62
CA ALA A 30 11.61 0.28 -4.40
C ALA A 30 11.94 1.59 -3.72
N THR A 31 13.20 1.75 -3.30
CA THR A 31 13.63 2.92 -2.56
C THR A 31 14.69 3.66 -3.38
N LEU A 32 14.53 4.96 -3.50
CA LEU A 32 15.51 5.78 -4.20
C LEU A 32 16.83 5.80 -3.45
N GLY A 33 17.92 5.61 -4.20
CA GLY A 33 19.25 5.70 -3.62
C GLY A 33 19.68 7.13 -3.42
N THR A 34 20.89 7.28 -2.88
CA THR A 34 21.44 8.60 -2.67
C THR A 34 21.72 9.29 -4.00
N GLY A 35 21.57 10.61 -4.03
CA GLY A 35 21.77 11.36 -5.24
C GLY A 35 21.31 12.79 -5.05
N LEU A 36 21.59 13.61 -6.06
CA LEU A 36 21.26 15.02 -6.03
C LEU A 36 20.31 15.44 -7.13
N SER A 37 20.05 14.59 -8.11
CA SER A 37 19.18 14.95 -9.23
C SER A 37 17.72 14.96 -8.80
N LYS A 38 16.97 15.93 -9.32
CA LYS A 38 15.56 16.06 -9.03
C LYS A 38 14.66 15.31 -10.01
N GLU A 39 15.23 14.73 -11.06
CA GLU A 39 14.42 14.13 -12.12
C GLU A 39 13.75 12.85 -11.63
N LYS A 40 12.58 12.59 -12.20
CA LYS A 40 11.83 11.38 -11.86
C LYS A 40 12.57 10.13 -12.31
N SER A 41 12.59 9.12 -11.46
CA SER A 41 13.34 7.89 -11.70
C SER A 41 12.38 6.72 -11.88
N VAL A 42 12.60 5.95 -12.95
CA VAL A 42 11.75 4.82 -13.29
C VAL A 42 12.62 3.58 -13.45
N ILE A 43 12.17 2.47 -12.89
CA ILE A 43 12.81 1.17 -13.09
C ILE A 43 11.92 0.34 -14.01
N GLN A 44 12.49 -0.14 -15.10
CA GLN A 44 11.77 -0.89 -16.11
C GLN A 44 12.26 -2.33 -16.13
N CYS A 45 11.32 -3.27 -16.24
CA CYS A 45 11.63 -4.68 -16.28
C CYS A 45 11.36 -5.23 -17.67
N SER A 46 12.36 -5.83 -18.28
CA SER A 46 12.24 -6.47 -19.58
C SER A 46 12.50 -7.96 -19.42
N ILE A 47 11.54 -8.77 -19.85
CA ILE A 47 11.62 -10.22 -19.76
C ILE A 47 11.78 -10.78 -21.16
N GLY A 48 12.85 -11.56 -21.37
CA GLY A 48 13.11 -12.08 -22.70
C GLY A 48 13.29 -10.96 -23.71
N ASP A 49 12.57 -11.08 -24.83
CA ASP A 49 12.59 -10.07 -25.87
C ASP A 49 11.42 -9.08 -25.77
N LYS A 50 10.59 -9.20 -24.74
CA LYS A 50 9.44 -8.33 -24.61
C LYS A 50 9.87 -6.89 -24.32
N ALA A 51 8.98 -5.96 -24.64
CA ALA A 51 9.25 -4.55 -24.38
C ALA A 51 9.29 -4.29 -22.87
N PRO A 52 10.12 -3.35 -22.43
CA PRO A 52 10.21 -3.06 -21.00
C PRO A 52 8.89 -2.55 -20.44
N ILE A 53 8.56 -2.98 -19.23
CA ILE A 53 7.37 -2.56 -18.52
C ILE A 53 7.80 -1.77 -17.29
N ALA A 54 7.29 -0.54 -17.17
CA ALA A 54 7.66 0.31 -16.05
C ALA A 54 7.10 -0.25 -14.75
N LEU A 55 8.01 -0.62 -13.83
CA LEU A 55 7.58 -1.20 -12.57
C LEU A 55 7.01 -0.14 -11.63
N CYS A 56 7.66 1.01 -11.55
CA CYS A 56 7.24 2.07 -10.65
C CYS A 56 7.96 3.34 -11.03
N SER A 57 7.43 4.47 -10.56
CA SER A 57 8.03 5.77 -10.76
C SER A 57 8.23 6.43 -9.41
N LEU A 58 9.46 6.88 -9.15
CA LEU A 58 9.82 7.47 -7.88
C LEU A 58 10.21 8.93 -8.09
N LEU A 59 9.68 9.81 -7.26
CA LEU A 59 9.95 11.24 -7.35
C LEU A 59 10.90 11.64 -6.25
N PRO A 60 12.11 12.10 -6.56
CA PRO A 60 13.02 12.58 -5.51
C PRO A 60 12.39 13.71 -4.71
N ASN A 61 12.56 13.64 -3.39
CA ASN A 61 12.08 14.61 -2.41
C ASN A 61 10.56 14.62 -2.29
N LYS A 62 9.83 13.86 -3.10
CA LYS A 62 8.38 13.76 -2.97
C LYS A 62 7.96 12.34 -2.61
N ILE A 63 8.31 11.35 -3.43
CA ILE A 63 8.03 9.95 -3.14
C ILE A 63 9.33 9.19 -3.41
N GLU A 64 10.12 8.98 -2.37
CA GLU A 64 11.40 8.29 -2.51
C GLU A 64 11.29 6.80 -2.28
N CYS A 65 10.12 6.29 -1.90
CA CYS A 65 9.88 4.87 -1.80
C CYS A 65 8.42 4.60 -2.14
N CYS A 66 8.16 3.40 -2.66
CA CYS A 66 6.82 3.03 -3.03
C CYS A 66 6.64 1.54 -2.85
N PRO A 67 5.51 1.10 -2.30
CA PRO A 67 5.28 -0.33 -2.16
C PRO A 67 5.12 -1.00 -3.52
N LEU A 68 5.57 -2.25 -3.58
CA LEU A 68 5.43 -3.07 -4.78
C LEU A 68 4.94 -4.44 -4.37
N ASN A 69 4.37 -5.16 -5.34
CA ASN A 69 4.01 -6.57 -5.15
C ASN A 69 4.39 -7.29 -6.44
N LEU A 70 5.63 -7.75 -6.51
CA LEU A 70 6.15 -8.44 -7.68
C LEU A 70 6.80 -9.74 -7.27
N GLU A 71 6.64 -10.77 -8.09
CA GLU A 71 7.19 -12.09 -7.83
C GLU A 71 8.05 -12.50 -9.01
N PHE A 72 9.33 -12.77 -8.74
CA PHE A 72 10.28 -13.21 -9.75
C PHE A 72 10.74 -14.62 -9.42
N ASP A 73 10.69 -15.52 -10.40
CA ASP A 73 11.07 -16.90 -10.19
C ASP A 73 12.02 -17.36 -11.30
N ASP A 74 12.26 -18.67 -11.37
CA ASP A 74 13.20 -19.21 -12.35
C ASP A 74 12.62 -19.31 -13.76
N ASP A 75 11.30 -19.15 -13.92
CA ASP A 75 10.68 -19.37 -15.22
C ASP A 75 11.13 -18.35 -16.25
N ASP A 76 11.22 -17.08 -15.85
CA ASP A 76 11.67 -16.03 -16.77
C ASP A 76 13.20 -16.01 -16.74
N GLU A 77 13.81 -16.70 -17.71
CA GLU A 77 15.26 -16.84 -17.71
C GLU A 77 15.98 -15.50 -17.84
N PRO A 78 15.75 -14.69 -18.89
CA PRO A 78 16.39 -13.37 -18.92
C PRO A 78 15.55 -12.31 -18.22
N VAL A 79 16.07 -11.76 -17.13
CA VAL A 79 15.44 -10.65 -16.43
C VAL A 79 16.43 -9.49 -16.46
N GLU A 80 15.98 -8.34 -16.94
CA GLU A 80 16.88 -7.25 -17.26
C GLU A 80 16.25 -5.96 -16.73
N PHE A 81 16.88 -5.37 -15.71
CA PHE A 81 16.37 -4.17 -15.05
C PHE A 81 17.02 -2.94 -15.66
N THR A 82 16.20 -1.98 -16.07
CA THR A 82 16.66 -0.70 -16.57
C THR A 82 16.16 0.40 -15.66
N VAL A 83 17.06 1.30 -15.27
CA VAL A 83 16.75 2.41 -14.37
C VAL A 83 17.00 3.71 -15.10
N THR A 84 15.99 4.58 -15.12
CA THR A 84 16.13 5.91 -15.67
C THR A 84 16.65 6.87 -14.60
N GLY A 85 17.42 7.87 -15.04
CA GLY A 85 18.03 8.79 -14.12
C GLY A 85 19.45 8.38 -13.75
N ASP A 86 19.99 9.06 -12.74
CA ASP A 86 21.33 8.80 -12.25
C ASP A 86 21.35 8.31 -10.81
N ARG A 87 20.18 8.10 -10.20
CA ARG A 87 20.10 7.57 -8.84
C ARG A 87 19.80 6.08 -8.91
N SER A 88 20.53 5.30 -8.11
CA SER A 88 20.25 3.88 -8.00
C SER A 88 18.92 3.66 -7.31
N ILE A 89 18.32 2.51 -7.57
CA ILE A 89 17.04 2.13 -6.97
C ILE A 89 17.24 0.83 -6.22
N HIS A 90 17.04 0.87 -4.91
CA HIS A 90 17.19 -0.30 -4.06
C HIS A 90 15.87 -1.07 -4.05
N LEU A 91 15.92 -2.33 -4.49
CA LEU A 91 14.78 -3.22 -4.41
C LEU A 91 14.93 -4.09 -3.17
N SER A 92 13.91 -4.11 -2.32
CA SER A 92 13.94 -4.88 -1.09
C SER A 92 12.70 -5.75 -1.01
N GLY A 93 12.82 -6.83 -0.25
CA GLY A 93 11.72 -7.76 -0.10
C GLY A 93 12.13 -8.97 0.71
N PHE A 94 11.66 -10.13 0.29
CA PHE A 94 11.95 -11.37 0.99
C PHE A 94 11.93 -12.53 0.00
N LEU A 95 12.50 -13.65 0.43
CA LEU A 95 12.56 -14.85 -0.39
C LEU A 95 11.42 -15.79 -0.07
N GLU A 96 11.02 -16.56 -1.08
CA GLU A 96 9.99 -17.59 -0.94
C GLU A 96 8.68 -17.02 -0.40
N GLY B 2 -0.05 -11.53 16.66
CA GLY B 2 0.69 -10.88 17.74
C GLY B 2 1.41 -9.64 17.28
N PHE B 3 1.10 -8.51 17.90
CA PHE B 3 1.71 -7.25 17.51
C PHE B 3 3.22 -7.25 17.75
N TRP B 4 3.96 -6.62 16.85
CA TRP B 4 5.40 -6.48 16.96
C TRP B 4 5.78 -5.02 16.74
N GLY B 5 6.76 -4.56 17.49
CA GLY B 5 7.22 -3.18 17.36
C GLY B 5 8.66 -3.06 17.77
N LEU B 6 9.36 -2.10 17.15
CA LEU B 6 10.76 -1.86 17.44
C LEU B 6 11.10 -0.42 17.11
N GLU B 7 11.69 0.28 18.05
CA GLU B 7 12.18 1.63 17.84
C GLU B 7 13.66 1.57 17.51
N VAL B 8 14.03 1.94 16.30
CA VAL B 8 15.41 1.93 15.84
C VAL B 8 15.96 3.34 15.99
N LYS B 9 16.91 3.50 16.91
CA LYS B 9 17.41 4.83 17.24
C LYS B 9 18.36 5.34 16.16
N PRO B 10 18.40 6.65 15.95
CA PRO B 10 19.34 7.23 14.99
C PRO B 10 20.77 7.27 15.53
N GLY B 11 21.67 7.89 14.78
CA GLY B 11 23.04 8.03 15.22
C GLY B 11 23.87 6.77 15.02
N LYS B 12 24.39 6.23 16.12
CA LYS B 12 25.15 4.99 16.02
C LYS B 12 24.25 3.88 15.49
N PRO B 13 24.73 3.10 14.52
CA PRO B 13 23.87 2.07 13.94
C PRO B 13 23.54 0.97 14.95
N GLN B 14 22.34 0.43 14.85
CA GLN B 14 21.76 -0.41 15.89
C GLN B 14 21.57 -1.84 15.38
N ALA B 15 22.11 -2.80 16.11
CA ALA B 15 21.92 -4.21 15.79
C ALA B 15 20.54 -4.68 16.23
N TYR B 16 20.08 -5.76 15.59
CA TYR B 16 18.80 -6.38 15.93
C TYR B 16 18.92 -7.88 15.75
N ASN B 17 18.31 -8.62 16.68
CA ASN B 17 18.39 -10.08 16.68
C ASN B 17 17.02 -10.68 16.45
N PRO B 18 16.74 -11.20 15.24
CA PRO B 18 15.42 -11.79 14.99
C PRO B 18 15.08 -12.98 15.86
N LYS B 19 16.09 -13.68 16.40
CA LYS B 19 15.81 -14.85 17.23
C LYS B 19 15.20 -14.50 18.58
N ASN B 20 15.18 -13.23 18.95
CA ASN B 20 14.54 -12.83 20.21
C ASN B 20 13.04 -13.14 20.19
N GLU B 21 12.38 -12.88 19.06
CA GLU B 21 10.96 -13.16 18.94
C GLU B 21 10.72 -14.64 18.61
N GLN B 22 9.51 -15.10 18.90
CA GLN B 22 9.17 -16.50 18.70
C GLN B 22 9.05 -16.84 17.22
N GLY B 23 8.36 -16.00 16.46
CA GLY B 23 8.06 -16.27 15.07
C GLY B 23 8.65 -15.22 14.13
N LYS B 24 8.38 -15.44 12.84
CA LYS B 24 8.87 -14.54 11.81
C LYS B 24 8.31 -13.14 11.99
N ILE B 25 9.16 -12.14 11.82
CA ILE B 25 8.76 -10.74 11.96
C ILE B 25 8.31 -10.21 10.61
N HIS B 26 7.11 -9.66 10.57
CA HIS B 26 6.61 -8.97 9.38
C HIS B 26 6.68 -7.47 9.64
N VAL B 27 7.62 -6.80 8.99
CA VAL B 27 7.76 -5.35 9.11
C VAL B 27 6.84 -4.74 8.06
N THR B 28 5.67 -4.30 8.49
CA THR B 28 4.65 -3.80 7.57
C THR B 28 4.50 -2.29 7.60
N GLN B 29 5.26 -1.59 8.44
CA GLN B 29 5.16 -0.14 8.50
C GLN B 29 6.41 0.44 9.13
N ALA B 30 6.84 1.58 8.61
CA ALA B 30 7.89 2.39 9.21
C ALA B 30 7.32 3.77 9.48
N THR B 31 7.32 4.17 10.74
CA THR B 31 6.74 5.44 11.15
C THR B 31 7.82 6.33 11.74
N LEU B 32 7.86 7.58 11.30
CA LEU B 32 8.82 8.53 11.83
C LEU B 32 8.53 8.83 13.28
N GLY B 33 9.57 8.84 14.10
CA GLY B 33 9.44 9.20 15.49
C GLY B 33 9.37 10.70 15.68
N THR B 34 9.23 11.10 16.94
CA THR B 34 9.18 12.52 17.26
C THR B 34 10.52 13.18 16.97
N GLY B 35 10.46 14.44 16.56
CA GLY B 35 11.67 15.17 16.21
C GLY B 35 11.31 16.49 15.57
N LEU B 36 12.34 17.31 15.36
CA LEU B 36 12.17 18.62 14.78
C LEU B 36 12.92 18.81 13.47
N SER B 37 13.78 17.88 13.08
CA SER B 37 14.56 18.02 11.86
C SER B 37 13.70 17.76 10.64
N LYS B 38 13.94 18.56 9.59
CA LYS B 38 13.20 18.42 8.33
C LYS B 38 13.87 17.47 7.35
N GLU B 39 15.06 16.97 7.66
CA GLU B 39 15.82 16.17 6.70
C GLU B 39 15.17 14.81 6.47
N LYS B 40 15.34 14.30 5.26
CA LYS B 40 14.80 12.99 4.91
C LYS B 40 15.51 11.89 5.70
N SER B 41 14.71 10.93 6.18
CA SER B 41 15.20 9.87 7.04
C SER B 41 15.10 8.53 6.32
N VAL B 42 16.19 7.77 6.35
CA VAL B 42 16.28 6.48 5.67
C VAL B 42 16.73 5.43 6.67
N ILE B 43 16.08 4.27 6.65
CA ILE B 43 16.49 3.12 7.44
C ILE B 43 17.10 2.10 6.48
N GLN B 44 18.33 1.69 6.77
CA GLN B 44 19.07 0.77 5.92
C GLN B 44 19.27 -0.54 6.66
N CYS B 45 19.11 -1.65 5.94
CA CYS B 45 19.26 -2.99 6.50
C CYS B 45 20.51 -3.63 5.91
N SER B 46 21.43 -4.06 6.77
CA SER B 46 22.63 -4.77 6.37
C SER B 46 22.59 -6.17 6.95
N ILE B 47 22.71 -7.17 6.10
CA ILE B 47 22.68 -8.57 6.49
C ILE B 47 24.07 -9.15 6.31
N GLY B 48 24.62 -9.70 7.38
CA GLY B 48 25.97 -10.23 7.31
C GLY B 48 26.96 -9.14 6.93
N ASP B 49 27.80 -9.44 5.95
CA ASP B 49 28.77 -8.49 5.44
C ASP B 49 28.30 -7.75 4.19
N LYS B 50 27.06 -7.99 3.76
CA LYS B 50 26.55 -7.34 2.56
C LYS B 50 26.39 -5.84 2.78
N ALA B 51 26.39 -5.11 1.66
CA ALA B 51 26.20 -3.67 1.72
C ALA B 51 24.78 -3.34 2.18
N PRO B 52 24.60 -2.23 2.90
CA PRO B 52 23.26 -1.87 3.38
C PRO B 52 22.31 -1.60 2.22
N ILE B 53 21.06 -2.03 2.39
CA ILE B 53 20.00 -1.82 1.40
C ILE B 53 18.95 -0.92 2.04
N ALA B 54 18.66 0.19 1.36
CA ALA B 54 17.70 1.16 1.89
C ALA B 54 16.30 0.56 1.90
N LEU B 55 15.72 0.40 3.09
CA LEU B 55 14.40 -0.20 3.20
C LEU B 55 13.30 0.77 2.76
N CYS B 56 13.41 2.04 3.16
CA CYS B 56 12.40 3.03 2.86
C CYS B 56 12.97 4.41 3.16
N SER B 57 12.33 5.42 2.58
CA SER B 57 12.69 6.81 2.82
C SER B 57 11.46 7.55 3.30
N LEU B 58 11.58 8.24 4.43
CA LEU B 58 10.48 8.94 5.06
C LEU B 58 10.78 10.43 5.07
N LEU B 59 9.80 11.24 4.65
CA LEU B 59 9.95 12.67 4.60
C LEU B 59 9.18 13.31 5.75
N PRO B 60 9.86 13.98 6.68
CA PRO B 60 9.14 14.66 7.76
C PRO B 60 8.16 15.69 7.21
N ASN B 61 6.96 15.72 7.79
CA ASN B 61 5.85 16.61 7.46
C ASN B 61 5.26 16.34 6.09
N LYS B 62 5.82 15.42 5.31
CA LYS B 62 5.24 15.03 4.02
C LYS B 62 4.79 13.58 4.02
N ILE B 63 5.70 12.65 4.28
CA ILE B 63 5.37 11.22 4.38
C ILE B 63 6.05 10.73 5.66
N GLU B 64 5.31 10.72 6.77
CA GLU B 64 5.86 10.28 8.04
C GLU B 64 5.64 8.81 8.31
N CYS B 65 4.93 8.11 7.43
CA CYS B 65 4.78 6.66 7.52
C CYS B 65 4.66 6.10 6.11
N CYS B 66 5.09 4.85 5.94
CA CYS B 66 5.03 4.23 4.65
C CYS B 66 4.82 2.73 4.83
N PRO B 67 3.96 2.12 4.04
CA PRO B 67 3.77 0.66 4.15
C PRO B 67 5.03 -0.08 3.71
N LEU B 68 5.25 -1.22 4.35
CA LEU B 68 6.37 -2.10 4.01
C LEU B 68 5.85 -3.53 3.95
N ASN B 69 6.61 -4.38 3.27
CA ASN B 69 6.34 -5.82 3.27
C ASN B 69 7.70 -6.51 3.35
N LEU B 70 8.17 -6.73 4.58
CA LEU B 70 9.46 -7.35 4.83
C LEU B 70 9.29 -8.48 5.81
N GLU B 71 10.04 -9.56 5.61
CA GLU B 71 9.99 -10.73 6.47
C GLU B 71 11.40 -11.03 6.98
N PHE B 72 11.56 -11.04 8.30
CA PHE B 72 12.82 -11.33 8.95
C PHE B 72 12.67 -12.60 9.77
N ASP B 73 13.61 -13.53 9.59
CA ASP B 73 13.57 -14.81 10.28
C ASP B 73 14.91 -15.13 10.90
N ASP B 74 15.10 -16.37 11.36
CA ASP B 74 16.33 -16.75 12.04
C ASP B 74 17.48 -17.03 11.08
N ASP B 75 17.21 -17.13 9.77
CA ASP B 75 18.26 -17.53 8.83
C ASP B 75 19.35 -16.48 8.72
N ASP B 76 18.98 -15.20 8.67
CA ASP B 76 19.98 -14.12 8.61
C ASP B 76 20.42 -13.81 10.03
N GLU B 77 21.55 -14.41 10.43
CA GLU B 77 22.01 -14.27 11.81
C GLU B 77 22.34 -12.83 12.16
N PRO B 78 23.24 -12.12 11.46
CA PRO B 78 23.45 -10.70 11.79
C PRO B 78 22.50 -9.80 11.02
N VAL B 79 21.61 -9.12 11.75
CA VAL B 79 20.73 -8.10 11.15
C VAL B 79 21.05 -6.79 11.84
N GLU B 80 21.34 -5.76 11.04
CA GLU B 80 21.89 -4.53 11.57
C GLU B 80 21.18 -3.36 10.90
N PHE B 81 20.40 -2.63 11.68
CA PHE B 81 19.59 -1.52 11.18
C PHE B 81 20.34 -0.21 11.35
N THR B 82 20.45 0.55 10.27
CA THR B 82 21.05 1.87 10.29
C THR B 82 20.00 2.90 9.90
N VAL B 83 19.90 3.97 10.68
CA VAL B 83 18.92 5.03 10.45
C VAL B 83 19.67 6.33 10.20
N THR B 84 19.35 6.98 9.09
CA THR B 84 19.90 8.30 8.78
C THR B 84 19.03 9.38 9.41
N GLY B 85 19.67 10.48 9.79
CA GLY B 85 18.96 11.55 10.48
C GLY B 85 19.06 11.43 11.98
N ASP B 86 18.26 12.25 12.66
CA ASP B 86 18.23 12.26 14.12
C ASP B 86 16.88 11.85 14.68
N ARG B 87 15.93 11.46 13.83
CA ARG B 87 14.64 10.97 14.28
C ARG B 87 14.63 9.45 14.28
N SER B 88 14.12 8.87 15.36
CA SER B 88 13.97 7.42 15.42
C SER B 88 12.89 6.99 14.42
N ILE B 89 12.97 5.72 14.02
CA ILE B 89 12.00 5.14 13.09
C ILE B 89 11.38 3.93 13.78
N HIS B 90 10.07 4.00 13.99
CA HIS B 90 9.34 2.90 14.62
C HIS B 90 8.93 1.89 13.56
N LEU B 91 9.39 0.66 13.71
CA LEU B 91 8.96 -0.43 12.85
C LEU B 91 7.85 -1.20 13.55
N SER B 92 6.73 -1.38 12.86
CA SER B 92 5.59 -2.07 13.42
C SER B 92 5.14 -3.17 12.47
N GLY B 93 4.47 -4.17 13.04
CA GLY B 93 4.01 -5.29 12.24
C GLY B 93 3.39 -6.35 13.11
N PHE B 94 3.66 -7.60 12.77
CA PHE B 94 3.12 -8.73 13.51
C PHE B 94 4.07 -9.92 13.40
N LEU B 95 3.87 -10.88 14.28
CA LEU B 95 4.69 -12.08 14.33
C LEU B 95 4.05 -13.22 13.55
N GLU B 96 4.89 -14.09 13.01
CA GLU B 96 4.46 -15.29 12.30
C GLU B 96 3.53 -14.96 11.14
N GLY C 2 -15.85 -10.61 7.60
CA GLY C 2 -16.63 -9.78 8.50
C GLY C 2 -15.96 -8.45 8.78
N PHE C 3 -16.67 -7.37 8.49
CA PHE C 3 -16.11 -6.03 8.67
C PHE C 3 -15.86 -5.76 10.15
N TRP C 4 -14.77 -5.04 10.42
CA TRP C 4 -14.41 -4.63 11.77
C TRP C 4 -14.09 -3.14 11.77
N GLY C 5 -14.48 -2.46 12.84
CA GLY C 5 -14.23 -1.03 12.95
C GLY C 5 -14.15 -0.62 14.40
N LEU C 6 -13.33 0.41 14.66
CA LEU C 6 -13.16 0.93 16.01
C LEU C 6 -12.75 2.39 15.92
N GLU C 7 -13.46 3.24 16.64
CA GLU C 7 -13.11 4.65 16.77
C GLU C 7 -12.32 4.83 18.06
N VAL C 8 -11.05 5.21 17.91
CA VAL C 8 -10.17 5.42 19.06
C VAL C 8 -10.16 6.93 19.34
N LYS C 9 -10.71 7.31 20.49
CA LYS C 9 -10.88 8.71 20.80
C LYS C 9 -9.55 9.34 21.23
N PRO C 10 -9.36 10.62 20.95
CA PRO C 10 -8.14 11.31 21.41
C PRO C 10 -8.19 11.65 22.89
N GLY C 11 -7.20 12.39 23.37
CA GLY C 11 -7.16 12.80 24.76
C GLY C 11 -6.69 11.72 25.69
N LYS C 12 -7.55 11.33 26.64
CA LYS C 12 -7.20 10.25 27.55
C LYS C 12 -6.97 8.96 26.76
N PRO C 13 -5.88 8.23 27.03
CA PRO C 13 -5.60 7.03 26.25
C PRO C 13 -6.65 5.96 26.49
N GLN C 14 -6.95 5.19 25.44
CA GLN C 14 -8.10 4.31 25.41
C GLN C 14 -7.66 2.85 25.35
N ALA C 15 -8.18 2.04 26.26
CA ALA C 15 -7.91 0.62 26.26
C ALA C 15 -8.78 -0.09 25.21
N TYR C 16 -8.31 -1.26 24.78
CA TYR C 16 -9.04 -2.08 23.83
C TYR C 16 -8.82 -3.55 24.17
N ASN C 17 -9.88 -4.34 24.06
CA ASN C 17 -9.85 -5.76 24.41
C ASN C 17 -10.05 -6.62 23.18
N PRO C 18 -9.00 -7.23 22.63
CA PRO C 18 -9.18 -8.07 21.43
C PRO C 18 -10.11 -9.26 21.64
N LYS C 19 -10.28 -9.74 22.87
CA LYS C 19 -11.13 -10.89 23.10
C LYS C 19 -12.62 -10.60 22.91
N ASN C 20 -13.00 -9.33 22.76
CA ASN C 20 -14.39 -9.00 22.51
C ASN C 20 -14.86 -9.58 21.17
N GLU C 21 -14.02 -9.50 20.15
CA GLU C 21 -14.36 -10.05 18.84
C GLU C 21 -14.12 -11.55 18.81
N GLN C 22 -14.78 -12.21 17.85
CA GLN C 22 -14.68 -13.67 17.76
C GLN C 22 -13.32 -14.10 17.22
N GLY C 23 -12.84 -13.44 16.17
CA GLY C 23 -11.61 -13.84 15.51
C GLY C 23 -10.55 -12.76 15.54
N LYS C 24 -9.42 -13.07 14.91
CA LYS C 24 -8.29 -12.16 14.87
C LYS C 24 -8.66 -10.87 14.13
N ILE C 25 -8.23 -9.74 14.67
CA ILE C 25 -8.52 -8.44 14.08
C ILE C 25 -7.40 -8.08 13.13
N HIS C 26 -7.76 -7.75 11.90
CA HIS C 26 -6.82 -7.23 10.91
C HIS C 26 -7.06 -5.74 10.78
N VAL C 27 -6.14 -4.93 11.30
CA VAL C 27 -6.23 -3.48 11.19
C VAL C 27 -5.54 -3.11 9.88
N THR C 28 -6.34 -2.87 8.84
CA THR C 28 -5.82 -2.62 7.51
C THR C 28 -5.90 -1.15 7.10
N GLN C 29 -6.46 -0.29 7.94
CA GLN C 29 -6.57 1.12 7.58
C GLN C 29 -6.75 1.94 8.84
N ALA C 30 -6.15 3.12 8.85
CA ALA C 30 -6.38 4.14 9.86
C ALA C 30 -6.84 5.41 9.15
N THR C 31 -8.04 5.87 9.48
CA THR C 31 -8.64 7.03 8.84
C THR C 31 -8.84 8.13 9.85
N LEU C 32 -8.42 9.33 9.50
CA LEU C 32 -8.62 10.48 10.38
C LEU C 32 -10.10 10.79 10.52
N GLY C 33 -10.53 11.04 11.76
CA GLY C 33 -11.89 11.44 12.02
C GLY C 33 -12.11 12.90 11.72
N THR C 34 -13.36 13.33 11.93
CA THR C 34 -13.70 14.73 11.71
C THR C 34 -12.99 15.61 12.73
N GLY C 35 -12.64 16.82 12.30
CA GLY C 35 -11.93 17.74 13.17
C GLY C 35 -11.45 18.94 12.37
N LEU C 36 -10.93 19.91 13.10
CA LEU C 36 -10.45 21.15 12.50
C LEU C 36 -8.96 21.41 12.73
N SER C 37 -8.31 20.63 13.59
CA SER C 37 -6.90 20.86 13.89
C SER C 37 -6.03 20.38 12.74
N LYS C 38 -4.96 21.15 12.47
CA LYS C 38 -4.02 20.82 11.41
C LYS C 38 -2.85 19.96 11.89
N GLU C 39 -2.76 19.70 13.20
CA GLU C 39 -1.58 19.01 13.73
C GLU C 39 -1.57 17.55 13.33
N LYS C 40 -0.36 17.01 13.19
CA LYS C 40 -0.19 15.61 12.83
C LYS C 40 -0.69 14.70 13.95
N SER C 41 -1.39 13.63 13.56
CA SER C 41 -2.04 12.73 14.49
C SER C 41 -1.36 11.36 14.42
N VAL C 42 -1.02 10.82 15.59
CA VAL C 42 -0.34 9.53 15.70
C VAL C 42 -1.13 8.64 16.64
N ILE C 43 -1.31 7.38 16.25
CA ILE C 43 -1.89 6.36 17.11
C ILE C 43 -0.78 5.43 17.56
N GLN C 44 -0.64 5.27 18.88
CA GLN C 44 0.41 4.46 19.46
C GLN C 44 -0.20 3.25 20.14
N CYS C 45 0.44 2.10 19.97
CA CYS C 45 -0.02 0.84 20.54
C CYS C 45 0.96 0.41 21.63
N SER C 46 0.43 0.21 22.84
CA SER C 46 1.22 -0.29 23.97
C SER C 46 0.68 -1.64 24.38
N ILE C 47 1.55 -2.64 24.42
CA ILE C 47 1.18 -4.00 24.78
C ILE C 47 1.82 -4.32 26.12
N GLY C 48 0.99 -4.70 27.09
CA GLY C 48 1.51 -4.98 28.43
C GLY C 48 2.17 -3.74 29.00
N ASP C 49 3.38 -3.93 29.52
CA ASP C 49 4.17 -2.85 30.08
C ASP C 49 5.18 -2.27 29.09
N LYS C 50 5.18 -2.75 27.85
CA LYS C 50 6.14 -2.28 26.86
C LYS C 50 5.87 -0.82 26.49
N ALA C 51 6.91 -0.16 25.99
CA ALA C 51 6.78 1.22 25.55
C ALA C 51 5.87 1.30 24.33
N PRO C 52 5.12 2.39 24.19
CA PRO C 52 4.23 2.52 23.03
C PRO C 52 5.01 2.55 21.72
N ILE C 53 4.44 1.90 20.70
CA ILE C 53 5.01 1.86 19.36
C ILE C 53 4.07 2.59 18.42
N ALA C 54 4.59 3.59 17.72
CA ALA C 54 3.76 4.39 16.81
C ALA C 54 3.30 3.54 15.63
N LEU C 55 1.99 3.34 15.51
CA LEU C 55 1.46 2.50 14.43
C LEU C 55 1.51 3.23 13.10
N CYS C 56 1.14 4.52 13.08
CA CYS C 56 1.10 5.29 11.85
C CYS C 56 0.98 6.75 12.21
N SER C 57 1.31 7.60 11.24
CA SER C 57 1.17 9.04 11.37
C SER C 57 0.30 9.57 10.25
N LEU C 58 -0.73 10.33 10.61
CA LEU C 58 -1.70 10.84 9.65
C LEU C 58 -1.62 12.36 9.64
N LEU C 59 -1.56 12.94 8.44
CA LEU C 59 -1.48 14.39 8.29
C LEU C 59 -2.83 14.92 7.83
N PRO C 60 -3.50 15.75 8.63
CA PRO C 60 -4.76 16.34 8.18
C PRO C 60 -4.56 17.14 6.90
N ASN C 61 -5.52 16.97 5.98
CA ASN C 61 -5.58 17.63 4.67
C ASN C 61 -4.47 17.19 3.72
N LYS C 62 -3.54 16.34 4.16
CA LYS C 62 -2.51 15.80 3.29
C LYS C 62 -2.62 14.28 3.15
N ILE C 63 -2.57 13.55 4.25
CA ILE C 63 -2.76 12.09 4.26
C ILE C 63 -3.73 11.80 5.40
N GLU C 64 -5.03 11.71 5.07
CA GLU C 64 -6.04 11.45 6.08
C GLU C 64 -6.35 9.97 6.25
N CYS C 65 -5.74 9.11 5.44
CA CYS C 65 -5.85 7.67 5.61
C CYS C 65 -4.56 7.03 5.15
N CYS C 66 -4.25 5.88 5.73
CA CYS C 66 -3.03 5.17 5.38
C CYS C 66 -3.25 3.69 5.53
N PRO C 67 -2.78 2.87 4.60
CA PRO C 67 -2.92 1.42 4.74
C PRO C 67 -2.09 0.91 5.91
N LEU C 68 -2.61 -0.14 6.54
CA LEU C 68 -1.92 -0.81 7.63
C LEU C 68 -2.00 -2.32 7.41
N ASN C 69 -1.10 -3.04 8.05
CA ASN C 69 -1.17 -4.51 8.07
C ASN C 69 -0.79 -4.93 9.50
N LEU C 70 -1.79 -4.99 10.37
CA LEU C 70 -1.60 -5.34 11.77
C LEU C 70 -2.57 -6.44 12.14
N GLU C 71 -2.12 -7.37 12.99
CA GLU C 71 -2.93 -8.48 13.45
C GLU C 71 -2.96 -8.49 14.96
N PHE C 72 -4.14 -8.39 15.54
CA PHE C 72 -4.34 -8.42 16.98
C PHE C 72 -5.14 -9.65 17.35
N ASP C 73 -4.65 -10.40 18.34
CA ASP C 73 -5.31 -11.63 18.76
C ASP C 73 -5.45 -11.66 20.29
N ASP C 74 -5.80 -12.82 20.84
CA ASP C 74 -6.03 -12.93 22.27
C ASP C 74 -4.74 -13.02 23.08
N ASP C 75 -3.60 -13.24 22.43
CA ASP C 75 -2.36 -13.49 23.17
C ASP C 75 -1.91 -12.26 23.95
N ASP C 76 -2.01 -11.07 23.34
CA ASP C 76 -1.64 -9.84 24.03
C ASP C 76 -2.84 -9.38 24.85
N GLU C 77 -2.83 -9.73 26.14
CA GLU C 77 -3.99 -9.45 26.99
C GLU C 77 -4.24 -7.95 27.12
N PRO C 78 -3.29 -7.13 27.60
CA PRO C 78 -3.55 -5.68 27.62
C PRO C 78 -3.15 -5.00 26.33
N VAL C 79 -4.13 -4.46 25.60
CA VAL C 79 -3.87 -3.67 24.41
C VAL C 79 -4.43 -2.28 24.66
N GLU C 80 -3.60 -1.27 24.48
CA GLU C 80 -3.92 0.08 24.93
C GLU C 80 -3.55 1.05 23.82
N PHE C 81 -4.55 1.68 23.21
CA PHE C 81 -4.36 2.58 22.08
C PHE C 81 -4.29 4.01 22.59
N THR C 82 -3.25 4.73 22.19
CA THR C 82 -3.08 6.14 22.49
C THR C 82 -3.07 6.93 21.20
N VAL C 83 -3.85 8.00 21.15
CA VAL C 83 -3.97 8.85 19.97
C VAL C 83 -3.51 10.25 20.33
N THR C 84 -2.57 10.78 19.55
CA THR C 84 -2.12 12.15 19.70
C THR C 84 -3.01 13.08 18.90
N GLY C 85 -3.17 14.30 19.39
CA GLY C 85 -4.06 15.25 18.76
C GLY C 85 -5.45 15.23 19.37
N ASP C 86 -6.37 15.92 18.69
CA ASP C 86 -7.76 16.00 19.12
C ASP C 86 -8.73 15.38 18.13
N ARG C 87 -8.23 14.77 17.06
CA ARG C 87 -9.07 14.08 16.10
C ARG C 87 -9.05 12.59 16.39
N SER C 88 -10.23 11.97 16.37
CA SER C 88 -10.32 10.53 16.52
C SER C 88 -9.73 9.85 15.29
N ILE C 89 -9.30 8.60 15.48
CA ILE C 89 -8.73 7.80 14.40
C ILE C 89 -9.57 6.54 14.27
N HIS C 90 -10.19 6.37 13.12
CA HIS C 90 -11.02 5.19 12.85
C HIS C 90 -10.14 4.08 12.32
N LEU C 91 -10.11 2.96 13.03
CA LEU C 91 -9.42 1.76 12.57
C LEU C 91 -10.44 0.84 11.92
N SER C 92 -10.16 0.42 10.69
CA SER C 92 -11.05 -0.45 9.95
C SER C 92 -10.28 -1.66 9.43
N GLY C 93 -11.02 -2.74 9.20
CA GLY C 93 -10.41 -3.97 8.72
C GLY C 93 -11.43 -5.07 8.64
N PHE C 94 -11.00 -6.27 9.02
CA PHE C 94 -11.86 -7.45 8.97
C PHE C 94 -11.43 -8.43 10.05
N LEU C 95 -12.32 -9.37 10.33
CA LEU C 95 -12.08 -10.39 11.35
C LEU C 95 -11.54 -11.67 10.70
N GLU C 96 -10.74 -12.39 11.49
CA GLU C 96 -10.19 -13.68 11.09
C GLU C 96 -9.41 -13.60 9.78
N GLY D 2 5.98 -15.48 -11.88
CA GLY D 2 6.17 -15.03 -13.25
C GLY D 2 5.70 -13.60 -13.46
N PHE D 3 6.60 -12.74 -13.91
CA PHE D 3 6.27 -11.34 -14.11
C PHE D 3 5.21 -11.17 -15.20
N TRP D 4 4.32 -10.21 -15.00
CA TRP D 4 3.29 -9.87 -15.97
C TRP D 4 3.27 -8.37 -16.19
N GLY D 5 3.04 -7.96 -17.42
CA GLY D 5 3.01 -6.56 -17.76
C GLY D 5 2.13 -6.31 -18.96
N LEU D 6 1.51 -5.13 -18.98
CA LEU D 6 0.63 -4.74 -20.08
C LEU D 6 0.59 -3.24 -20.19
N GLU D 7 0.85 -2.71 -21.39
CA GLU D 7 0.72 -1.30 -21.66
C GLU D 7 -0.64 -1.04 -22.28
N VAL D 8 -1.48 -0.30 -21.57
CA VAL D 8 -2.83 0.03 -22.02
C VAL D 8 -2.77 1.41 -22.65
N LYS D 9 -2.98 1.48 -23.97
CA LYS D 9 -2.81 2.73 -24.68
C LYS D 9 -4.00 3.65 -24.44
N PRO D 10 -3.78 4.97 -24.46
CA PRO D 10 -4.89 5.92 -24.33
C PRO D 10 -5.70 6.04 -25.61
N GLY D 11 -6.65 6.98 -25.63
CA GLY D 11 -7.44 7.21 -26.82
C GLY D 11 -8.56 6.20 -27.00
N LYS D 12 -8.53 5.48 -28.11
CA LYS D 12 -9.53 4.45 -28.34
C LYS D 12 -9.44 3.38 -27.25
N PRO D 13 -10.56 2.97 -26.66
CA PRO D 13 -10.48 2.00 -25.56
C PRO D 13 -9.99 0.65 -26.05
N GLN D 14 -9.24 -0.03 -25.18
CA GLN D 14 -8.47 -1.20 -25.56
C GLN D 14 -9.01 -2.45 -24.88
N ALA D 15 -9.29 -3.48 -25.67
CA ALA D 15 -9.72 -4.75 -25.13
C ALA D 15 -8.54 -5.55 -24.61
N TYR D 16 -8.82 -6.47 -23.69
CA TYR D 16 -7.80 -7.36 -23.13
C TYR D 16 -8.42 -8.72 -22.88
N ASN D 17 -7.65 -9.77 -23.17
CA ASN D 17 -8.13 -11.15 -23.04
C ASN D 17 -7.35 -11.88 -21.96
N PRO D 18 -7.94 -12.10 -20.78
CA PRO D 18 -7.20 -12.80 -19.72
C PRO D 18 -6.80 -14.23 -20.07
N LYS D 19 -7.49 -14.87 -21.01
CA LYS D 19 -7.14 -16.24 -21.37
C LYS D 19 -5.83 -16.37 -22.11
N ASN D 20 -5.24 -15.25 -22.55
CA ASN D 20 -3.94 -15.31 -23.23
C ASN D 20 -2.87 -15.84 -22.28
N GLU D 21 -2.88 -15.40 -21.02
CA GLU D 21 -1.91 -15.86 -20.04
C GLU D 21 -2.32 -17.22 -19.47
N GLN D 22 -1.34 -17.92 -18.92
CA GLN D 22 -1.58 -19.26 -18.39
C GLN D 22 -2.38 -19.22 -17.11
N GLY D 23 -2.03 -18.33 -16.18
CA GLY D 23 -2.63 -18.26 -14.87
C GLY D 23 -3.31 -16.93 -14.60
N LYS D 24 -3.86 -16.83 -13.39
CA LYS D 24 -4.56 -15.63 -12.97
C LYS D 24 -3.62 -14.44 -12.94
N ILE D 25 -4.11 -13.31 -13.43
CA ILE D 25 -3.31 -12.08 -13.48
C ILE D 25 -3.54 -11.29 -12.20
N HIS D 26 -2.46 -10.94 -11.52
CA HIS D 26 -2.52 -10.05 -10.36
C HIS D 26 -2.01 -8.69 -10.79
N VAL D 27 -2.92 -7.72 -10.91
CA VAL D 27 -2.54 -6.36 -11.25
C VAL D 27 -2.23 -5.64 -9.95
N THR D 28 -0.94 -5.53 -9.63
CA THR D 28 -0.50 -4.97 -8.36
C THR D 28 0.05 -3.57 -8.49
N GLN D 29 0.12 -3.01 -9.69
CA GLN D 29 0.66 -1.65 -9.85
C GLN D 29 0.16 -1.07 -11.16
N ALA D 30 -0.12 0.22 -11.14
CA ALA D 30 -0.40 0.99 -12.34
C ALA D 30 0.59 2.15 -12.38
N THR D 31 1.40 2.21 -13.44
CA THR D 31 2.43 3.21 -13.57
C THR D 31 2.16 4.07 -14.78
N LEU D 32 2.24 5.39 -14.60
CA LEU D 32 2.03 6.31 -15.70
C LEU D 32 3.15 6.16 -16.73
N GLY D 33 2.78 6.13 -18.00
CA GLY D 33 3.75 6.08 -19.07
C GLY D 33 4.33 7.44 -19.36
N THR D 34 5.24 7.47 -20.33
CA THR D 34 5.87 8.72 -20.72
C THR D 34 4.84 9.64 -21.36
N GLY D 35 5.02 10.94 -21.15
CA GLY D 35 4.08 11.92 -21.69
C GLY D 35 4.39 13.28 -21.12
N LEU D 36 3.69 14.28 -21.67
CA LEU D 36 3.88 15.67 -21.26
C LEU D 36 2.63 16.31 -20.68
N SER D 37 1.48 15.67 -20.78
CA SER D 37 0.23 16.24 -20.29
C SER D 37 0.17 16.18 -18.77
N LYS D 38 -0.37 17.25 -18.17
CA LYS D 38 -0.52 17.33 -16.72
C LYS D 38 -1.85 16.80 -16.22
N GLU D 39 -2.76 16.42 -17.12
CA GLU D 39 -4.10 16.05 -16.72
C GLU D 39 -4.11 14.70 -15.99
N LYS D 40 -5.04 14.56 -15.07
CA LYS D 40 -5.19 13.33 -14.31
C LYS D 40 -5.62 12.19 -15.22
N SER D 41 -5.01 11.01 -15.02
CA SER D 41 -5.22 9.85 -15.87
C SER D 41 -5.92 8.76 -15.08
N VAL D 42 -6.98 8.21 -15.65
CA VAL D 42 -7.78 7.16 -15.01
C VAL D 42 -7.89 5.98 -15.96
N ILE D 43 -7.71 4.78 -15.41
CA ILE D 43 -7.94 3.54 -16.14
C ILE D 43 -9.23 2.92 -15.62
N GLN D 44 -10.16 2.66 -16.54
CA GLN D 44 -11.47 2.11 -16.19
C GLN D 44 -11.59 0.70 -16.73
N CYS D 45 -12.17 -0.19 -15.93
CA CYS D 45 -12.37 -1.58 -16.30
C CYS D 45 -13.85 -1.83 -16.51
N SER D 46 -14.21 -2.32 -17.69
CA SER D 46 -15.59 -2.70 -18.00
C SER D 46 -15.63 -4.19 -18.27
N ILE D 47 -16.49 -4.89 -17.54
CA ILE D 47 -16.65 -6.34 -17.67
C ILE D 47 -18.01 -6.62 -18.28
N GLY D 48 -18.02 -7.35 -19.40
CA GLY D 48 -19.27 -7.61 -20.08
C GLY D 48 -19.94 -6.32 -20.50
N ASP D 49 -21.23 -6.21 -20.18
CA ASP D 49 -22.00 -5.01 -20.48
C ASP D 49 -22.10 -4.06 -19.29
N LYS D 50 -21.42 -4.36 -18.18
CA LYS D 50 -21.50 -3.52 -17.00
C LYS D 50 -20.82 -2.17 -17.25
N ALA D 51 -21.23 -1.19 -16.46
CA ALA D 51 -20.63 0.14 -16.56
C ALA D 51 -19.18 0.11 -16.12
N PRO D 52 -18.33 0.94 -16.72
CA PRO D 52 -16.91 0.95 -16.35
C PRO D 52 -16.72 1.36 -14.89
N ILE D 53 -15.77 0.70 -14.23
CA ILE D 53 -15.40 0.99 -12.85
C ILE D 53 -13.98 1.52 -12.84
N ALA D 54 -13.79 2.70 -12.26
CA ALA D 54 -12.47 3.33 -12.22
C ALA D 54 -11.55 2.53 -11.31
N LEU D 55 -10.48 1.98 -11.90
CA LEU D 55 -9.54 1.16 -11.12
C LEU D 55 -8.65 2.02 -10.25
N CYS D 56 -8.15 3.14 -10.79
CA CYS D 56 -7.24 4.00 -10.05
C CYS D 56 -7.14 5.33 -10.79
N SER D 57 -6.67 6.34 -10.08
CA SER D 57 -6.42 7.66 -10.65
C SER D 57 -4.97 8.04 -10.38
N LEU D 58 -4.27 8.41 -11.44
CA LEU D 58 -2.85 8.75 -11.37
C LEU D 58 -2.66 10.20 -11.73
N LEU D 59 -1.88 10.91 -10.91
CA LEU D 59 -1.63 12.33 -11.13
C LEU D 59 -0.21 12.51 -11.67
N PRO D 60 -0.04 13.00 -12.89
CA PRO D 60 1.31 13.25 -13.40
C PRO D 60 2.07 14.22 -12.50
N ASN D 61 3.34 13.90 -12.26
CA ASN D 61 4.28 14.66 -11.44
C ASN D 61 3.93 14.67 -9.96
N LYS D 62 2.80 14.09 -9.57
CA LYS D 62 2.44 13.98 -8.15
C LYS D 62 2.38 12.52 -7.70
N ILE D 63 1.55 11.70 -8.35
CA ILE D 63 1.45 10.27 -8.07
C ILE D 63 1.48 9.57 -9.42
N GLU D 64 2.65 9.15 -9.86
CA GLU D 64 2.80 8.49 -11.14
C GLU D 64 2.69 6.98 -11.05
N CYS D 65 2.58 6.44 -9.85
CA CYS D 65 2.34 5.02 -9.66
C CYS D 65 1.50 4.83 -8.41
N CYS D 66 0.72 3.76 -8.38
CA CYS D 66 -0.12 3.49 -7.23
C CYS D 66 -0.28 1.98 -7.09
N PRO D 67 -0.21 1.46 -5.86
CA PRO D 67 -0.42 0.03 -5.67
C PRO D 67 -1.85 -0.36 -5.98
N LEU D 68 -2.01 -1.58 -6.49
CA LEU D 68 -3.32 -2.14 -6.77
C LEU D 68 -3.35 -3.57 -6.24
N ASN D 69 -4.57 -4.08 -6.05
CA ASN D 69 -4.75 -5.49 -5.72
C ASN D 69 -5.98 -5.96 -6.51
N LEU D 70 -5.74 -6.41 -7.74
CA LEU D 70 -6.80 -6.86 -8.63
C LEU D 70 -6.45 -8.23 -9.19
N GLU D 71 -7.46 -9.08 -9.34
CA GLU D 71 -7.28 -10.42 -9.85
C GLU D 71 -8.19 -10.62 -11.06
N PHE D 72 -7.59 -10.94 -12.19
CA PHE D 72 -8.32 -11.20 -13.43
C PHE D 72 -8.12 -12.65 -13.84
N ASP D 73 -9.22 -13.33 -14.14
CA ASP D 73 -9.17 -14.74 -14.51
C ASP D 73 -9.98 -14.99 -15.78
N ASP D 74 -10.23 -16.26 -16.10
CA ASP D 74 -10.93 -16.60 -17.32
C ASP D 74 -12.45 -16.42 -17.21
N ASP D 75 -12.98 -16.23 -16.00
CA ASP D 75 -14.43 -16.19 -15.83
C ASP D 75 -15.05 -14.98 -16.53
N ASP D 76 -14.43 -13.81 -16.42
CA ASP D 76 -14.93 -12.61 -17.08
C ASP D 76 -14.42 -12.62 -18.52
N GLU D 77 -15.26 -13.11 -19.43
CA GLU D 77 -14.84 -13.27 -20.82
C GLU D 77 -14.48 -11.93 -21.47
N PRO D 78 -15.38 -10.93 -21.54
CA PRO D 78 -14.96 -9.64 -22.09
C PRO D 78 -14.38 -8.73 -21.02
N VAL D 79 -13.09 -8.41 -21.14
CA VAL D 79 -12.43 -7.44 -20.28
C VAL D 79 -11.93 -6.32 -21.17
N GLU D 80 -12.31 -5.08 -20.82
CA GLU D 80 -12.11 -3.95 -21.72
C GLU D 80 -11.57 -2.79 -20.90
N PHE D 81 -10.32 -2.42 -21.16
CA PHE D 81 -9.64 -1.36 -20.40
C PHE D 81 -9.77 -0.04 -21.14
N THR D 82 -10.23 0.98 -20.43
CA THR D 82 -10.32 2.33 -20.97
C THR D 82 -9.42 3.24 -20.16
N VAL D 83 -8.60 4.04 -20.85
CA VAL D 83 -7.66 4.95 -20.21
C VAL D 83 -8.02 6.38 -20.61
N THR D 84 -8.19 7.24 -19.61
CA THR D 84 -8.41 8.66 -19.84
C THR D 84 -7.08 9.38 -19.96
N GLY D 85 -7.06 10.43 -20.78
CA GLY D 85 -5.83 11.16 -21.03
C GLY D 85 -5.12 10.66 -22.28
N ASP D 86 -3.88 11.13 -22.43
CA ASP D 86 -3.05 10.77 -23.58
C ASP D 86 -1.80 10.01 -23.18
N ARG D 87 -1.64 9.70 -21.89
CA ARG D 87 -0.51 8.91 -21.42
C ARG D 87 -0.94 7.47 -21.23
N SER D 88 -0.11 6.55 -21.71
CA SER D 88 -0.37 5.13 -21.49
C SER D 88 -0.18 4.80 -20.01
N ILE D 89 -0.82 3.72 -19.58
CA ILE D 89 -0.74 3.25 -18.20
C ILE D 89 -0.21 1.82 -18.23
N HIS D 90 0.96 1.62 -17.63
CA HIS D 90 1.56 0.30 -17.57
C HIS D 90 1.02 -0.45 -16.35
N LEU D 91 0.39 -1.58 -16.60
CA LEU D 91 -0.06 -2.47 -15.52
C LEU D 91 0.98 -3.56 -15.34
N SER D 92 1.44 -3.72 -14.11
CA SER D 92 2.45 -4.72 -13.79
C SER D 92 1.97 -5.60 -12.63
N GLY D 93 2.51 -6.80 -12.57
CA GLY D 93 2.13 -7.73 -11.53
C GLY D 93 2.80 -9.07 -11.72
N PHE D 94 2.03 -10.12 -11.46
CA PHE D 94 2.55 -11.48 -11.60
C PHE D 94 1.41 -12.42 -11.93
N LEU D 95 1.78 -13.61 -12.40
CA LEU D 95 0.81 -14.62 -12.79
C LEU D 95 0.57 -15.60 -11.64
N GLU D 96 -0.64 -16.16 -11.61
CA GLU D 96 -1.03 -17.18 -10.65
C GLU D 96 -0.82 -16.72 -9.20
N GLY E 2 -11.99 -12.98 -10.18
CA GLY E 2 -13.10 -12.26 -10.79
C GLY E 2 -13.17 -10.82 -10.35
N PHE E 3 -13.11 -9.90 -11.31
CA PHE E 3 -13.12 -8.49 -11.00
C PHE E 3 -14.44 -8.07 -10.36
N TRP E 4 -14.36 -7.15 -9.40
CA TRP E 4 -15.53 -6.60 -8.73
C TRP E 4 -15.44 -5.08 -8.73
N GLY E 5 -16.58 -4.42 -8.89
CA GLY E 5 -16.61 -2.98 -8.90
C GLY E 5 -17.96 -2.47 -8.46
N LEU E 6 -17.96 -1.30 -7.83
CA LEU E 6 -19.18 -0.68 -7.35
C LEU E 6 -18.98 0.83 -7.28
N GLU E 7 -19.90 1.57 -7.89
CA GLU E 7 -19.91 3.02 -7.81
C GLU E 7 -20.89 3.43 -6.70
N VAL E 8 -20.36 4.03 -5.64
CA VAL E 8 -21.16 4.47 -4.51
C VAL E 8 -21.43 5.96 -4.71
N LYS E 9 -22.70 6.29 -4.94
CA LYS E 9 -23.05 7.66 -5.27
C LYS E 9 -23.05 8.55 -4.03
N PRO E 10 -22.73 9.82 -4.20
CA PRO E 10 -22.79 10.76 -3.06
C PRO E 10 -24.21 11.17 -2.71
N GLY E 11 -24.35 12.10 -1.78
CA GLY E 11 -25.66 12.60 -1.40
C GLY E 11 -26.39 11.67 -0.46
N LYS E 12 -27.55 11.19 -0.89
CA LYS E 12 -28.30 10.25 -0.06
C LYS E 12 -27.48 8.99 0.17
N PRO E 13 -27.38 8.49 1.40
CA PRO E 13 -26.55 7.32 1.65
C PRO E 13 -27.10 6.08 0.97
N GLN E 14 -26.19 5.22 0.51
CA GLN E 14 -26.52 4.13 -0.40
C GLN E 14 -26.32 2.79 0.28
N ALA E 15 -27.34 1.94 0.25
CA ALA E 15 -27.25 0.60 0.78
C ALA E 15 -26.53 -0.32 -0.20
N TYR E 16 -25.95 -1.40 0.32
CA TYR E 16 -25.29 -2.40 -0.49
C TYR E 16 -25.53 -3.78 0.11
N ASN E 17 -25.75 -4.76 -0.75
CA ASN E 17 -26.06 -6.12 -0.33
C ASN E 17 -24.96 -7.08 -0.74
N PRO E 18 -24.11 -7.51 0.19
CA PRO E 18 -23.02 -8.44 -0.18
C PRO E 18 -23.51 -9.77 -0.74
N LYS E 19 -24.72 -10.19 -0.43
CA LYS E 19 -25.21 -11.48 -0.92
C LYS E 19 -25.49 -11.47 -2.42
N ASN E 20 -25.48 -10.31 -3.07
CA ASN E 20 -25.69 -10.27 -4.52
C ASN E 20 -24.57 -11.00 -5.25
N GLU E 21 -23.32 -10.83 -4.80
CA GLU E 21 -22.20 -11.50 -5.42
C GLU E 21 -22.08 -12.93 -4.90
N GLN E 22 -21.38 -13.76 -5.68
CA GLN E 22 -21.24 -15.17 -5.33
C GLN E 22 -20.30 -15.37 -4.15
N GLY E 23 -19.16 -14.69 -4.16
CA GLY E 23 -18.14 -14.89 -3.15
C GLY E 23 -17.84 -13.63 -2.37
N LYS E 24 -16.89 -13.76 -1.44
CA LYS E 24 -16.50 -12.65 -0.59
C LYS E 24 -15.92 -11.51 -1.42
N ILE E 25 -16.29 -10.28 -1.07
CA ILE E 25 -15.84 -9.09 -1.79
C ILE E 25 -14.58 -8.58 -1.11
N HIS E 26 -13.52 -8.40 -1.90
CA HIS E 26 -12.29 -7.77 -1.42
C HIS E 26 -12.25 -6.35 -1.99
N VAL E 27 -12.47 -5.37 -1.13
CA VAL E 27 -12.40 -3.97 -1.53
C VAL E 27 -10.94 -3.55 -1.38
N THR E 28 -10.21 -3.52 -2.48
CA THR E 28 -8.78 -3.25 -2.47
C THR E 28 -8.42 -1.86 -2.96
N GLN E 29 -9.41 -1.07 -3.39
CA GLN E 29 -9.11 0.27 -3.89
C GLN E 29 -10.36 1.12 -3.83
N ALA E 30 -10.18 2.39 -3.49
CA ALA E 30 -11.23 3.40 -3.60
C ALA E 30 -10.71 4.51 -4.49
N THR E 31 -11.40 4.76 -5.60
CA THR E 31 -10.98 5.74 -6.58
C THR E 31 -12.02 6.85 -6.67
N LEU E 32 -11.56 8.09 -6.63
CA LEU E 32 -12.47 9.22 -6.77
C LEU E 32 -13.07 9.25 -8.16
N GLY E 33 -14.38 9.49 -8.22
CA GLY E 33 -15.06 9.64 -9.49
C GLY E 33 -14.86 11.02 -10.07
N THR E 34 -15.45 11.22 -11.25
CA THR E 34 -15.36 12.51 -11.91
C THR E 34 -16.10 13.57 -11.11
N GLY E 35 -15.59 14.79 -11.15
CA GLY E 35 -16.20 15.87 -10.40
C GLY E 35 -15.29 17.09 -10.44
N LEU E 36 -15.83 18.19 -9.92
CA LEU E 36 -15.12 19.46 -9.91
C LEU E 36 -14.86 20.01 -8.51
N SER E 37 -15.47 19.42 -7.48
CA SER E 37 -15.31 19.92 -6.12
C SER E 37 -13.93 19.56 -5.57
N LYS E 38 -13.35 20.49 -4.83
CA LYS E 38 -12.04 20.29 -4.20
C LYS E 38 -12.13 19.69 -2.81
N GLU E 39 -13.33 19.52 -2.26
CA GLU E 39 -13.47 19.11 -0.87
C GLU E 39 -13.07 17.66 -0.70
N LYS E 40 -12.56 17.35 0.49
CA LYS E 40 -12.15 15.99 0.82
C LYS E 40 -13.36 15.06 0.88
N SER E 41 -13.21 13.87 0.32
CA SER E 41 -14.29 12.90 0.19
C SER E 41 -14.01 11.68 1.06
N VAL E 42 -15.00 11.29 1.85
CA VAL E 42 -14.89 10.16 2.77
C VAL E 42 -16.03 9.20 2.51
N ILE E 43 -15.71 7.90 2.47
CA ILE E 43 -16.70 6.85 2.40
C ILE E 43 -16.77 6.16 3.75
N GLN E 44 -17.97 6.12 4.32
CA GLN E 44 -18.19 5.55 5.65
C GLN E 44 -19.02 4.28 5.52
N CYS E 45 -18.65 3.26 6.30
CA CYS E 45 -19.34 1.98 6.30
C CYS E 45 -20.05 1.81 7.63
N SER E 46 -21.37 1.58 7.56
CA SER E 46 -22.18 1.32 8.73
C SER E 46 -22.74 -0.09 8.63
N ILE E 47 -22.49 -0.91 9.64
CA ILE E 47 -22.95 -2.29 9.69
C ILE E 47 -24.01 -2.41 10.76
N GLY E 48 -25.20 -2.89 10.37
CA GLY E 48 -26.30 -2.99 11.31
C GLY E 48 -26.64 -1.62 11.87
N ASP E 49 -26.75 -1.54 13.20
CA ASP E 49 -27.03 -0.29 13.89
C ASP E 49 -25.79 0.41 14.40
N LYS E 50 -24.60 -0.13 14.11
CA LYS E 50 -23.37 0.45 14.61
C LYS E 50 -23.10 1.80 13.95
N ALA E 51 -22.31 2.62 14.63
CA ALA E 51 -21.94 3.92 14.09
C ALA E 51 -21.07 3.76 12.85
N PRO E 52 -21.17 4.68 11.90
CA PRO E 52 -20.35 4.57 10.69
C PRO E 52 -18.86 4.68 10.99
N ILE E 53 -18.08 3.88 10.28
CA ILE E 53 -16.62 3.87 10.40
C ILE E 53 -16.04 4.35 9.08
N ALA E 54 -15.21 5.39 9.15
CA ALA E 54 -14.61 5.96 7.95
C ALA E 54 -13.63 4.97 7.33
N LEU E 55 -13.94 4.52 6.11
CA LEU E 55 -13.08 3.55 5.45
C LEU E 55 -11.80 4.19 4.92
N CYS E 56 -11.91 5.38 4.34
CA CYS E 56 -10.76 6.05 3.75
C CYS E 56 -11.15 7.49 3.47
N SER E 57 -10.13 8.32 3.29
CA SER E 57 -10.31 9.73 2.93
C SER E 57 -9.52 10.01 1.67
N LEU E 58 -10.18 10.58 0.67
CA LEU E 58 -9.58 10.85 -0.63
C LEU E 58 -9.57 12.34 -0.86
N LEU E 59 -8.42 12.86 -1.29
CA LEU E 59 -8.25 14.28 -1.55
C LEU E 59 -8.24 14.52 -3.05
N PRO E 60 -9.22 15.26 -3.59
CA PRO E 60 -9.19 15.57 -5.02
C PRO E 60 -7.91 16.32 -5.40
N ASN E 61 -7.34 15.93 -6.53
CA ASN E 61 -6.13 16.47 -7.12
C ASN E 61 -4.87 16.20 -6.30
N LYS E 62 -4.99 15.58 -5.13
CA LYS E 62 -3.83 15.19 -4.34
C LYS E 62 -3.74 13.67 -4.19
N ILE E 63 -4.76 13.02 -3.66
CA ILE E 63 -4.81 11.57 -3.54
C ILE E 63 -6.20 11.16 -4.03
N GLU E 64 -6.29 10.80 -5.31
CA GLU E 64 -7.57 10.42 -5.90
C GLU E 64 -7.82 8.91 -5.83
N CYS E 65 -6.85 8.14 -5.35
CA CYS E 65 -7.05 6.72 -5.13
C CYS E 65 -6.20 6.31 -3.93
N CYS E 66 -6.65 5.27 -3.23
CA CYS E 66 -5.92 4.80 -2.08
C CYS E 66 -6.13 3.30 -1.94
N PRO E 67 -5.08 2.53 -1.63
CA PRO E 67 -5.26 1.10 -1.43
C PRO E 67 -6.11 0.82 -0.19
N LEU E 68 -6.86 -0.27 -0.27
CA LEU E 68 -7.67 -0.74 0.85
C LEU E 68 -7.48 -2.24 0.99
N ASN E 69 -7.80 -2.74 2.18
CA ASN E 69 -7.84 -4.19 2.40
C ASN E 69 -9.06 -4.46 3.28
N LEU E 70 -10.21 -4.65 2.64
CA LEU E 70 -11.47 -4.88 3.32
C LEU E 70 -12.14 -6.11 2.75
N GLU E 71 -12.78 -6.89 3.61
CA GLU E 71 -13.46 -8.11 3.22
C GLU E 71 -14.91 -8.03 3.68
N PHE E 72 -15.84 -8.13 2.73
CA PHE E 72 -17.26 -8.11 3.00
C PHE E 72 -17.86 -9.45 2.61
N ASP E 73 -18.65 -10.04 3.52
CA ASP E 73 -19.25 -11.34 3.30
C ASP E 73 -20.74 -11.31 3.63
N ASP E 74 -21.36 -12.48 3.71
CA ASP E 74 -22.80 -12.55 3.96
C ASP E 74 -23.15 -12.36 5.43
N ASP E 75 -22.18 -12.40 6.34
CA ASP E 75 -22.48 -12.36 7.77
C ASP E 75 -23.09 -11.03 8.19
N ASP E 76 -22.55 -9.92 7.67
CA ASP E 76 -23.09 -8.59 7.99
C ASP E 76 -24.26 -8.32 7.03
N GLU E 77 -25.47 -8.60 7.50
CA GLU E 77 -26.65 -8.48 6.64
C GLU E 77 -26.86 -7.05 6.16
N PRO E 78 -27.02 -6.04 7.02
CA PRO E 78 -27.13 -4.67 6.50
C PRO E 78 -25.77 -4.02 6.33
N VAL E 79 -25.39 -3.71 5.10
CA VAL E 79 -24.19 -2.95 4.80
C VAL E 79 -24.62 -1.68 4.10
N GLU E 80 -24.19 -0.53 4.61
CA GLU E 80 -24.73 0.75 4.18
C GLU E 80 -23.56 1.71 3.99
N PHE E 81 -23.30 2.10 2.75
CA PHE E 81 -22.18 2.95 2.40
C PHE E 81 -22.64 4.40 2.33
N THR E 82 -21.93 5.27 3.04
CA THR E 82 -22.18 6.71 3.01
C THR E 82 -20.95 7.42 2.46
N VAL E 83 -21.16 8.31 1.51
CA VAL E 83 -20.09 9.05 0.86
C VAL E 83 -20.29 10.54 1.13
N THR E 84 -19.25 11.18 1.65
CA THR E 84 -19.26 12.63 1.85
C THR E 84 -18.78 13.32 0.58
N GLY E 85 -19.31 14.51 0.34
CA GLY E 85 -19.00 15.24 -0.86
C GLY E 85 -20.01 15.00 -1.96
N ASP E 86 -19.67 15.46 -3.16
CA ASP E 86 -20.51 15.31 -4.33
C ASP E 86 -19.88 14.45 -5.42
N ARG E 87 -18.71 13.88 -5.17
CA ARG E 87 -18.06 12.99 -6.12
C ARG E 87 -18.31 11.55 -5.72
N SER E 88 -18.67 10.72 -6.70
CA SER E 88 -18.83 9.30 -6.44
C SER E 88 -17.47 8.67 -6.14
N ILE E 89 -17.50 7.55 -5.44
CA ILE E 89 -16.30 6.81 -5.09
C ILE E 89 -16.44 5.41 -5.66
N HIS E 90 -15.54 5.05 -6.57
CA HIS E 90 -15.53 3.73 -7.18
C HIS E 90 -14.75 2.77 -6.30
N LEU E 91 -15.41 1.72 -5.84
CA LEU E 91 -14.75 0.65 -5.11
C LEU E 91 -14.45 -0.49 -6.07
N SER E 92 -13.19 -0.91 -6.11
CA SER E 92 -12.76 -1.98 -7.00
C SER E 92 -12.03 -3.05 -6.21
N GLY E 93 -12.03 -4.26 -6.76
CA GLY E 93 -11.37 -5.38 -6.09
C GLY E 93 -11.61 -6.66 -6.85
N PHE E 94 -11.83 -7.73 -6.09
CA PHE E 94 -12.05 -9.03 -6.67
C PHE E 94 -12.93 -9.86 -5.75
N LEU E 95 -13.48 -10.94 -6.30
CA LEU E 95 -14.35 -11.83 -5.56
C LEU E 95 -13.57 -13.01 -4.99
N GLU E 96 -14.05 -13.54 -3.88
CA GLU E 96 -13.49 -14.72 -3.24
C GLU E 96 -12.00 -14.57 -2.93
#